data_6QST
#
_entry.id   6QST
#
_cell.length_a   54.489
_cell.length_b   92.776
_cell.length_c   62.813
_cell.angle_alpha   90.00
_cell.angle_beta   94.21
_cell.angle_gamma   90.00
#
_symmetry.space_group_name_H-M   'P 1 21 1'
#
loop_
_entity.id
_entity.type
_entity.pdbx_description
1 polymer 'CREB-binding protein'
2 non-polymer ~{N}-[3-(3-azanyl-5-methyl-1,2-oxazol-4-yl)-5-(5-ethanoyl-2-ethoxy-phenyl)phenyl]furan-2-carboxamide
3 water water
#
_entity_poly.entity_id   1
_entity_poly.type   'polypeptide(L)'
_entity_poly.pdbx_seq_one_letter_code
;SMRKKIFKPEELRQALMPTLEALYRQDPESLPFRQPVDPQLLGIPDYFDIVKNPMDLSTIKRKLDTGQYQEPWQYVDDVW
LMFNNAWLYNRKTSRVYKFCSKLAEVFEQEIDPVMQSLG
;
_entity_poly.pdbx_strand_id   A,B,C,D
#
loop_
_chem_comp.id
_chem_comp.type
_chem_comp.name
_chem_comp.formula
JGK non-polymer ~{N}-[3-(3-azanyl-5-methyl-1,2-oxazol-4-yl)-5-(5-ethanoyl-2-ethoxy-phenyl)phenyl]furan-2-carboxamide 'C25 H23 N3 O5'
#
# COMPACT_ATOMS: atom_id res chain seq x y z
N LYS A 4 5.79 -16.34 53.97
CA LYS A 4 6.53 -15.56 52.98
C LYS A 4 6.92 -14.21 53.56
N LYS A 5 8.10 -13.72 53.15
CA LYS A 5 8.60 -12.43 53.58
C LYS A 5 7.93 -11.33 52.77
N ILE A 6 7.55 -10.24 53.46
CA ILE A 6 6.75 -9.19 52.86
C ILE A 6 7.64 -8.04 52.44
N PHE A 7 7.39 -7.51 51.24
CA PHE A 7 8.09 -6.37 50.69
C PHE A 7 7.21 -5.14 50.79
N LYS A 8 7.83 -3.97 50.79
CA LYS A 8 7.07 -2.72 50.81
C LYS A 8 6.39 -2.52 49.46
N PRO A 9 5.07 -2.29 49.43
CA PRO A 9 4.40 -2.14 48.12
C PRO A 9 5.03 -1.07 47.24
N GLU A 10 5.43 0.08 47.80
CA GLU A 10 6.09 1.10 46.99
C GLU A 10 7.40 0.58 46.40
N GLU A 11 8.11 -0.28 47.13
CA GLU A 11 9.35 -0.82 46.61
C GLU A 11 9.09 -1.80 45.46
N LEU A 12 8.07 -2.64 45.61
CA LEU A 12 7.68 -3.54 44.53
C LEU A 12 7.31 -2.75 43.28
N ARG A 13 6.50 -1.70 43.44
CA ARG A 13 6.09 -0.89 42.30
C ARG A 13 7.31 -0.34 41.55
N GLN A 14 8.27 0.22 42.29
CA GLN A 14 9.41 0.86 41.62
C GLN A 14 10.30 -0.15 40.92
N ALA A 15 10.43 -1.36 41.47
CA ALA A 15 11.29 -2.34 40.82
C ALA A 15 10.61 -3.01 39.63
N LEU A 16 9.30 -3.25 39.72
CA LEU A 16 8.61 -4.13 38.78
C LEU A 16 7.81 -3.40 37.72
N MET A 17 7.31 -2.21 38.01
CA MET A 17 6.55 -1.45 37.01
C MET A 17 7.31 -1.22 35.70
N PRO A 18 8.62 -0.95 35.69
CA PRO A 18 9.31 -0.84 34.39
C PRO A 18 9.25 -2.10 33.55
N THR A 19 9.24 -3.28 34.16
CA THR A 19 9.12 -4.49 33.36
C THR A 19 7.72 -4.62 32.79
N LEU A 20 6.70 -4.15 33.51
CA LEU A 20 5.36 -4.17 32.95
C LEU A 20 5.20 -3.14 31.83
N GLU A 21 5.87 -1.99 31.94
CA GLU A 21 5.80 -0.99 30.89
C GLU A 21 6.54 -1.43 29.64
N ALA A 22 7.57 -2.26 29.80
CA ALA A 22 8.24 -2.82 28.64
C ALA A 22 7.30 -3.70 27.81
N LEU A 23 6.34 -4.37 28.45
CA LEU A 23 5.34 -5.12 27.70
C LEU A 23 4.36 -4.18 27.00
N TYR A 24 3.86 -3.18 27.73
CA TYR A 24 2.96 -2.21 27.14
C TYR A 24 3.58 -1.55 25.90
N ARG A 25 4.88 -1.32 25.92
CA ARG A 25 5.52 -0.66 24.78
CA ARG A 25 5.54 -0.66 24.78
C ARG A 25 5.49 -1.51 23.51
N GLN A 26 5.30 -2.82 23.63
CA GLN A 26 5.30 -3.69 22.45
C GLN A 26 4.02 -3.49 21.65
N ASP A 27 4.16 -2.98 20.43
CA ASP A 27 3.05 -2.71 19.54
C ASP A 27 3.34 -3.41 18.21
N PRO A 28 2.44 -4.26 17.71
CA PRO A 28 1.09 -4.46 18.25
C PRO A 28 0.99 -5.64 19.21
N GLU A 29 2.13 -6.23 19.57
CA GLU A 29 2.13 -7.50 20.30
C GLU A 29 1.34 -7.42 21.60
N SER A 30 1.36 -6.28 22.31
CA SER A 30 0.65 -6.21 23.58
C SER A 30 -0.85 -5.93 23.44
N LEU A 31 -1.30 -5.47 22.27
CA LEU A 31 -2.70 -5.06 22.13
C LEU A 31 -3.71 -6.10 22.60
N PRO A 32 -3.55 -7.41 22.31
CA PRO A 32 -4.54 -8.38 22.83
C PRO A 32 -4.52 -8.53 24.34
N PHE A 33 -3.50 -8.01 25.01
CA PHE A 33 -3.29 -8.26 26.43
C PHE A 33 -3.53 -7.03 27.32
N ARG A 34 -3.81 -5.85 26.74
CA ARG A 34 -3.91 -4.63 27.56
C ARG A 34 -5.21 -4.52 28.34
N GLN A 35 -6.22 -5.33 28.06
CA GLN A 35 -7.46 -5.27 28.81
C GLN A 35 -7.96 -6.69 28.92
N PRO A 36 -8.79 -6.99 29.91
CA PRO A 36 -9.25 -8.38 30.08
C PRO A 36 -9.91 -8.89 28.81
N VAL A 37 -9.79 -10.19 28.57
CA VAL A 37 -10.46 -10.83 27.45
C VAL A 37 -11.96 -10.70 27.64
N ASP A 38 -12.63 -10.07 26.67
CA ASP A 38 -14.08 -9.90 26.65
C ASP A 38 -14.61 -10.91 25.64
N PRO A 39 -15.05 -12.09 26.09
CA PRO A 39 -15.44 -13.12 25.12
C PRO A 39 -16.60 -12.69 24.24
N GLN A 40 -17.47 -11.81 24.73
CA GLN A 40 -18.56 -11.33 23.88
C GLN A 40 -18.02 -10.44 22.78
N LEU A 41 -17.19 -9.46 23.15
CA LEU A 41 -16.64 -8.54 22.16
C LEU A 41 -15.91 -9.28 21.04
N LEU A 42 -15.16 -10.32 21.41
CA LEU A 42 -14.25 -11.03 20.51
C LEU A 42 -14.92 -12.19 19.80
N GLY A 43 -16.18 -12.50 20.10
CA GLY A 43 -16.85 -13.63 19.48
C GLY A 43 -16.32 -14.98 19.87
N ILE A 44 -15.92 -15.17 21.13
CA ILE A 44 -15.34 -16.45 21.52
C ILE A 44 -16.03 -16.94 22.81
N PRO A 45 -17.28 -17.38 22.70
CA PRO A 45 -18.09 -17.63 23.92
C PRO A 45 -17.52 -18.69 24.83
N ASP A 46 -16.63 -19.57 24.35
CA ASP A 46 -16.12 -20.64 25.17
C ASP A 46 -14.90 -20.24 26.00
N TYR A 47 -14.57 -18.96 26.04
CA TYR A 47 -13.30 -18.54 26.61
C TYR A 47 -13.21 -18.93 28.09
N PHE A 48 -14.24 -18.57 28.87
CA PHE A 48 -14.24 -18.88 30.29
C PHE A 48 -14.49 -20.36 30.57
N ASP A 49 -14.85 -21.14 29.55
CA ASP A 49 -14.86 -22.59 29.72
C ASP A 49 -13.45 -23.15 29.81
N ILE A 50 -12.51 -22.52 29.10
CA ILE A 50 -11.16 -23.02 28.99
C ILE A 50 -10.21 -22.29 29.93
N VAL A 51 -10.39 -20.98 30.08
CA VAL A 51 -9.50 -20.16 30.89
C VAL A 51 -10.23 -19.92 32.22
N LYS A 52 -9.83 -20.63 33.26
CA LYS A 52 -10.49 -20.49 34.56
C LYS A 52 -10.01 -19.29 35.34
N ASN A 53 -8.75 -18.88 35.17
CA ASN A 53 -8.19 -17.77 35.93
C ASN A 53 -7.64 -16.72 34.96
N PRO A 54 -8.51 -15.88 34.39
CA PRO A 54 -8.06 -14.87 33.43
C PRO A 54 -7.12 -13.86 34.08
N MET A 55 -6.27 -13.28 33.26
CA MET A 55 -5.30 -12.30 33.71
C MET A 55 -4.84 -11.52 32.49
N ASP A 56 -4.52 -10.25 32.72
CA ASP A 56 -4.13 -9.36 31.63
C ASP A 56 -3.31 -8.22 32.21
N LEU A 57 -2.75 -7.41 31.31
CA LEU A 57 -1.84 -6.36 31.75
C LEU A 57 -2.52 -5.38 32.70
N SER A 58 -3.78 -5.03 32.43
CA SER A 58 -4.46 -4.01 33.22
C SER A 58 -4.69 -4.47 34.66
N THR A 59 -5.09 -5.73 34.84
CA THR A 59 -5.27 -6.28 36.16
C THR A 59 -3.94 -6.33 36.93
N ILE A 60 -2.87 -6.77 36.24
CA ILE A 60 -1.56 -6.82 36.88
C ILE A 60 -1.14 -5.43 37.30
N LYS A 61 -1.28 -4.46 36.40
CA LYS A 61 -0.96 -3.08 36.73
C LYS A 61 -1.78 -2.58 37.91
N ARG A 62 -3.07 -2.92 37.94
CA ARG A 62 -3.90 -2.51 39.07
C ARG A 62 -3.37 -3.10 40.37
N LYS A 63 -3.04 -4.39 40.35
CA LYS A 63 -2.55 -5.05 41.56
C LYS A 63 -1.25 -4.43 42.03
N LEU A 64 -0.41 -4.01 41.09
CA LEU A 64 0.82 -3.32 41.45
C LEU A 64 0.53 -1.92 42.00
N ASP A 65 -0.42 -1.22 41.39
CA ASP A 65 -0.65 0.17 41.77
C ASP A 65 -1.33 0.27 43.12
N THR A 66 -2.11 -0.73 43.51
CA THR A 66 -2.82 -0.73 44.78
C THR A 66 -2.15 -1.60 45.84
N GLY A 67 -0.91 -2.02 45.61
CA GLY A 67 -0.19 -2.78 46.62
C GLY A 67 -0.78 -4.13 46.93
N GLN A 68 -1.37 -4.80 45.95
CA GLN A 68 -1.93 -6.11 46.22
C GLN A 68 -0.91 -7.25 46.22
N TYR A 69 0.31 -7.04 45.74
CA TYR A 69 1.36 -8.06 45.79
C TYR A 69 2.19 -7.88 47.06
N GLN A 70 2.33 -8.95 47.83
CA GLN A 70 3.19 -8.90 49.02
C GLN A 70 4.64 -9.18 48.71
N GLU A 71 4.93 -9.95 47.66
CA GLU A 71 6.31 -10.31 47.33
C GLU A 71 6.43 -10.48 45.82
N PRO A 72 7.62 -10.28 45.24
CA PRO A 72 7.73 -10.10 43.78
C PRO A 72 7.35 -11.32 42.96
N TRP A 73 7.48 -12.54 43.48
CA TRP A 73 7.15 -13.71 42.67
C TRP A 73 5.65 -13.82 42.41
N GLN A 74 4.81 -13.11 43.19
CA GLN A 74 3.38 -13.07 42.90
C GLN A 74 3.11 -12.28 41.63
N TYR A 75 3.85 -11.19 41.42
CA TYR A 75 3.81 -10.48 40.15
C TYR A 75 4.24 -11.39 39.01
N VAL A 76 5.38 -12.06 39.16
CA VAL A 76 5.88 -12.94 38.11
C VAL A 76 4.87 -14.05 37.82
N ASP A 77 4.21 -14.56 38.87
CA ASP A 77 3.15 -15.56 38.69
C ASP A 77 2.02 -15.03 37.80
N ASP A 78 1.58 -13.79 38.02
CA ASP A 78 0.45 -13.26 37.25
C ASP A 78 0.83 -13.07 35.78
N VAL A 79 2.05 -12.56 35.52
CA VAL A 79 2.49 -12.38 34.14
C VAL A 79 2.48 -13.72 33.41
N TRP A 80 3.00 -14.77 34.05
CA TRP A 80 3.03 -16.07 33.39
C TRP A 80 1.63 -16.66 33.27
N LEU A 81 0.76 -16.43 34.25
CA LEU A 81 -0.63 -16.83 34.11
C LEU A 81 -1.24 -16.20 32.86
N MET A 82 -1.02 -14.90 32.68
CA MET A 82 -1.49 -14.20 31.48
C MET A 82 -1.02 -14.90 30.21
N PHE A 83 0.29 -15.14 30.12
CA PHE A 83 0.84 -15.77 28.91
C PHE A 83 0.36 -17.21 28.76
N ASN A 84 0.31 -17.97 29.86
CA ASN A 84 -0.13 -19.36 29.74
C ASN A 84 -1.57 -19.46 29.29
N ASN A 85 -2.44 -18.59 29.80
CA ASN A 85 -3.82 -18.54 29.33
C ASN A 85 -3.86 -18.39 27.82
N ALA A 86 -3.08 -17.46 27.29
CA ALA A 86 -3.10 -17.22 25.84
C ALA A 86 -2.53 -18.42 25.09
N TRP A 87 -1.41 -18.99 25.56
CA TRP A 87 -0.87 -20.18 24.89
C TRP A 87 -1.82 -21.36 24.97
N LEU A 88 -2.59 -21.43 26.05
CA LEU A 88 -3.58 -22.48 26.20
C LEU A 88 -4.79 -22.27 25.27
N TYR A 89 -5.31 -21.04 25.23
CA TYR A 89 -6.56 -20.82 24.51
C TYR A 89 -6.35 -20.69 23.00
N ASN A 90 -5.31 -20.01 22.56
CA ASN A 90 -5.17 -19.71 21.15
C ASN A 90 -4.43 -20.83 20.43
N ARG A 91 -4.74 -20.99 19.13
CA ARG A 91 -4.06 -21.97 18.30
C ARG A 91 -2.62 -21.54 18.05
N LYS A 92 -1.75 -22.54 17.91
CA LYS A 92 -0.33 -22.27 17.70
C LYS A 92 -0.07 -21.51 16.41
N THR A 93 -1.01 -21.57 15.46
CA THR A 93 -0.84 -20.91 14.18
C THR A 93 -1.41 -19.49 14.17
N SER A 94 -1.99 -19.02 15.28
CA SER A 94 -2.72 -17.75 15.26
C SER A 94 -1.82 -16.56 15.61
N ARG A 95 -2.30 -15.37 15.25
CA ARG A 95 -1.54 -14.15 15.51
C ARG A 95 -1.42 -13.84 17.01
N VAL A 96 -2.46 -14.12 17.81
CA VAL A 96 -2.37 -13.85 19.23
C VAL A 96 -1.33 -14.75 19.90
N TYR A 97 -1.27 -16.01 19.47
CA TYR A 97 -0.25 -16.93 19.99
C TYR A 97 1.15 -16.39 19.71
N LYS A 98 1.38 -15.96 18.48
CA LYS A 98 2.67 -15.36 18.11
C LYS A 98 2.97 -14.14 18.97
N PHE A 99 1.98 -13.25 19.11
CA PHE A 99 2.16 -12.07 19.96
C PHE A 99 2.50 -12.47 21.38
N CYS A 100 1.85 -13.51 21.88
CA CYS A 100 2.14 -14.01 23.22
C CYS A 100 3.60 -14.44 23.33
N SER A 101 4.11 -15.14 22.31
CA SER A 101 5.49 -15.63 22.38
C SER A 101 6.47 -14.47 22.29
N LYS A 102 6.20 -13.49 21.43
CA LYS A 102 7.01 -12.28 21.38
C LYS A 102 7.04 -11.59 22.75
N LEU A 103 5.86 -11.33 23.33
CA LEU A 103 5.78 -10.63 24.60
C LEU A 103 6.49 -11.39 25.73
N ALA A 104 6.32 -12.73 25.76
CA ALA A 104 7.00 -13.52 26.79
C ALA A 104 8.53 -13.41 26.67
N GLU A 105 9.04 -13.23 25.45
CA GLU A 105 10.47 -13.06 25.27
C GLU A 105 10.95 -11.75 25.86
N VAL A 106 10.28 -10.65 25.49
CA VAL A 106 10.60 -9.35 26.07
C VAL A 106 10.55 -9.42 27.59
N PHE A 107 9.54 -10.08 28.15
CA PHE A 107 9.42 -10.17 29.60
C PHE A 107 10.62 -10.91 30.21
N GLU A 108 10.97 -12.08 29.65
CA GLU A 108 12.08 -12.85 30.20
C GLU A 108 13.36 -12.04 30.25
N GLN A 109 13.63 -11.24 29.21
CA GLN A 109 14.78 -10.36 29.22
C GLN A 109 14.70 -9.36 30.37
N GLU A 110 13.54 -8.73 30.54
CA GLU A 110 13.43 -7.64 31.50
C GLU A 110 13.42 -8.14 32.94
N ILE A 111 12.57 -9.12 33.25
CA ILE A 111 12.37 -9.56 34.62
C ILE A 111 13.68 -10.12 35.17
N ASP A 112 14.59 -10.42 34.28
CA ASP A 112 15.80 -11.15 34.47
C ASP A 112 16.66 -10.38 35.49
N PRO A 113 17.33 -9.26 35.13
CA PRO A 113 18.14 -8.58 36.16
C PRO A 113 17.34 -7.98 37.30
N VAL A 114 16.03 -7.76 37.12
CA VAL A 114 15.24 -7.11 38.18
C VAL A 114 15.08 -8.04 39.38
N MET A 115 14.67 -9.28 39.14
CA MET A 115 14.55 -10.21 40.26
C MET A 115 15.92 -10.50 40.87
N GLN A 116 16.98 -10.49 40.05
CA GLN A 116 18.33 -10.66 40.58
C GLN A 116 18.70 -9.54 41.53
N SER A 117 18.18 -8.33 41.30
CA SER A 117 18.45 -7.20 42.17
C SER A 117 17.52 -7.12 43.38
N LEU A 118 16.47 -7.94 43.42
CA LEU A 118 15.55 -7.94 44.56
C LEU A 118 15.85 -9.03 45.58
N GLY A 119 16.91 -9.81 45.38
CA GLY A 119 17.25 -10.86 46.32
C GLY A 119 18.43 -10.51 47.21
N LYS B 8 -18.32 4.33 -18.62
CA LYS B 8 -16.88 4.48 -18.80
C LYS B 8 -16.15 4.40 -17.46
N PRO B 9 -15.18 3.48 -17.36
CA PRO B 9 -14.51 3.23 -16.06
C PRO B 9 -13.91 4.48 -15.40
N GLU B 10 -13.25 5.35 -16.16
CA GLU B 10 -12.72 6.58 -15.57
C GLU B 10 -13.84 7.44 -15.00
N GLU B 11 -14.97 7.51 -15.71
CA GLU B 11 -16.17 8.14 -15.17
C GLU B 11 -16.70 7.35 -13.98
N LEU B 12 -16.82 6.03 -14.16
CA LEU B 12 -17.32 5.15 -13.11
C LEU B 12 -16.47 5.26 -11.85
N ARG B 13 -15.14 5.06 -11.99
CA ARG B 13 -14.27 5.08 -10.82
C ARG B 13 -14.28 6.44 -10.15
N GLN B 14 -14.31 7.52 -10.95
CA GLN B 14 -14.34 8.86 -10.37
C GLN B 14 -15.58 9.04 -9.52
N ALA B 15 -16.71 8.47 -9.95
CA ALA B 15 -17.95 8.59 -9.22
C ALA B 15 -17.99 7.70 -7.98
N LEU B 16 -17.37 6.51 -8.03
CA LEU B 16 -17.58 5.51 -7.00
C LEU B 16 -16.51 5.54 -5.91
N MET B 17 -15.27 5.87 -6.25
CA MET B 17 -14.18 5.84 -5.28
C MET B 17 -14.41 6.67 -4.03
N PRO B 18 -15.08 7.83 -4.08
CA PRO B 18 -15.33 8.56 -2.82
C PRO B 18 -16.20 7.78 -1.84
N THR B 19 -17.09 6.91 -2.34
CA THR B 19 -17.87 6.07 -1.44
C THR B 19 -16.98 5.03 -0.79
N LEU B 20 -16.05 4.45 -1.57
CA LEU B 20 -15.06 3.54 -1.02
C LEU B 20 -14.14 4.27 -0.06
N GLU B 21 -13.61 5.43 -0.48
CA GLU B 21 -12.74 6.21 0.39
C GLU B 21 -13.44 6.58 1.69
N ALA B 22 -14.77 6.72 1.67
CA ALA B 22 -15.50 7.06 2.89
C ALA B 22 -15.54 5.90 3.87
N LEU B 23 -15.56 4.66 3.39
CA LEU B 23 -15.51 3.52 4.30
C LEU B 23 -14.16 3.41 4.98
N TYR B 24 -13.06 3.57 4.22
CA TYR B 24 -11.73 3.53 4.80
C TYR B 24 -11.57 4.57 5.91
N ARG B 25 -12.25 5.71 5.76
CA ARG B 25 -12.15 6.79 6.72
C ARG B 25 -12.71 6.40 8.09
N GLN B 26 -13.53 5.37 8.17
CA GLN B 26 -14.06 4.97 9.47
C GLN B 26 -12.98 4.23 10.26
N ASP B 27 -12.58 4.81 11.39
CA ASP B 27 -11.64 4.23 12.31
C ASP B 27 -12.29 4.16 13.68
N PRO B 28 -12.24 3.01 14.37
CA PRO B 28 -11.64 1.74 13.93
C PRO B 28 -12.58 0.81 13.18
N GLU B 29 -13.75 1.31 12.75
CA GLU B 29 -14.76 0.39 12.22
C GLU B 29 -14.29 -0.35 10.98
N SER B 30 -13.48 0.27 10.14
CA SER B 30 -13.09 -0.34 8.89
C SER B 30 -11.89 -1.29 9.03
N LEU B 31 -11.22 -1.32 10.18
CA LEU B 31 -9.99 -2.11 10.31
C LEU B 31 -10.20 -3.60 10.05
N PRO B 32 -11.24 -4.27 10.57
CA PRO B 32 -11.41 -5.70 10.25
C PRO B 32 -11.68 -5.97 8.78
N PHE B 33 -11.96 -4.93 7.98
CA PHE B 33 -12.37 -5.07 6.59
C PHE B 33 -11.33 -4.57 5.60
N ARG B 34 -10.19 -4.04 6.05
CA ARG B 34 -9.21 -3.46 5.14
C ARG B 34 -8.36 -4.51 4.42
N GLN B 35 -8.42 -5.76 4.83
CA GLN B 35 -7.66 -6.82 4.19
C GLN B 35 -8.52 -8.07 4.22
N PRO B 36 -8.28 -9.04 3.32
CA PRO B 36 -9.07 -10.26 3.32
C PRO B 36 -8.98 -10.97 4.66
N VAL B 37 -10.06 -11.63 5.05
CA VAL B 37 -10.04 -12.40 6.28
C VAL B 37 -9.01 -13.51 6.14
N ASP B 38 -8.05 -13.55 7.07
CA ASP B 38 -7.11 -14.67 7.15
C ASP B 38 -7.56 -15.57 8.28
N PRO B 39 -8.22 -16.68 7.99
CA PRO B 39 -8.77 -17.51 9.08
C PRO B 39 -7.70 -18.08 9.97
N GLN B 40 -6.50 -18.37 9.45
CA GLN B 40 -5.42 -18.87 10.31
C GLN B 40 -4.93 -17.78 11.26
N LEU B 41 -4.71 -16.57 10.74
CA LEU B 41 -4.25 -15.49 11.59
C LEU B 41 -5.25 -15.22 12.72
N LEU B 42 -6.55 -15.24 12.41
CA LEU B 42 -7.61 -14.92 13.35
C LEU B 42 -8.07 -16.11 14.18
N GLY B 43 -7.55 -17.31 13.91
CA GLY B 43 -7.96 -18.45 14.71
C GLY B 43 -9.39 -18.88 14.47
N ILE B 44 -9.89 -18.74 13.25
CA ILE B 44 -11.26 -19.11 12.94
C ILE B 44 -11.27 -20.05 11.74
N PRO B 45 -10.86 -21.31 11.91
CA PRO B 45 -10.70 -22.19 10.74
C PRO B 45 -12.01 -22.50 10.03
N ASP B 46 -13.15 -22.28 10.66
CA ASP B 46 -14.43 -22.56 9.98
C ASP B 46 -14.86 -21.44 9.06
N TYR B 47 -14.04 -20.41 8.86
CA TYR B 47 -14.52 -19.22 8.15
C TYR B 47 -14.94 -19.54 6.71
N PHE B 48 -14.06 -20.22 5.95
CA PHE B 48 -14.36 -20.55 4.56
C PHE B 48 -15.39 -21.66 4.43
N ASP B 49 -15.73 -22.36 5.51
CA ASP B 49 -16.89 -23.23 5.49
C ASP B 49 -18.18 -22.43 5.45
N ILE B 50 -18.20 -21.26 6.09
CA ILE B 50 -19.41 -20.45 6.17
C ILE B 50 -19.46 -19.40 5.07
N VAL B 51 -18.34 -18.74 4.79
CA VAL B 51 -18.29 -17.67 3.80
C VAL B 51 -17.72 -18.24 2.51
N LYS B 52 -18.58 -18.41 1.51
CA LYS B 52 -18.15 -19.01 0.25
C LYS B 52 -17.55 -17.99 -0.70
N ASN B 53 -17.94 -16.73 -0.61
CA ASN B 53 -17.44 -15.68 -1.50
C ASN B 53 -16.85 -14.52 -0.70
N PRO B 54 -15.63 -14.66 -0.20
CA PRO B 54 -15.07 -13.61 0.64
C PRO B 54 -14.91 -12.32 -0.15
N MET B 55 -14.95 -11.20 0.56
CA MET B 55 -14.76 -9.90 -0.06
C MET B 55 -14.29 -8.95 1.02
N ASP B 56 -13.49 -7.96 0.64
CA ASP B 56 -13.01 -6.97 1.60
C ASP B 56 -12.71 -5.67 0.87
N LEU B 57 -12.35 -4.64 1.64
CA LEU B 57 -12.11 -3.32 1.05
C LEU B 57 -10.94 -3.33 0.06
N SER B 58 -9.84 -4.01 0.42
CA SER B 58 -8.67 -3.99 -0.46
C SER B 58 -8.96 -4.66 -1.79
N THR B 59 -9.82 -5.68 -1.80
CA THR B 59 -10.17 -6.32 -3.06
C THR B 59 -11.12 -5.45 -3.87
N ILE B 60 -12.06 -4.77 -3.21
CA ILE B 60 -12.95 -3.86 -3.93
C ILE B 60 -12.13 -2.73 -4.54
N LYS B 61 -11.15 -2.21 -3.79
CA LYS B 61 -10.28 -1.16 -4.29
C LYS B 61 -9.48 -1.63 -5.49
N ARG B 62 -8.87 -2.81 -5.40
CA ARG B 62 -8.15 -3.39 -6.53
C ARG B 62 -9.06 -3.50 -7.77
N LYS B 63 -10.30 -3.94 -7.57
CA LYS B 63 -11.19 -4.13 -8.71
C LYS B 63 -11.63 -2.78 -9.29
N LEU B 64 -11.88 -1.80 -8.43
CA LEU B 64 -12.18 -0.46 -8.92
C LEU B 64 -10.99 0.11 -9.69
N ASP B 65 -9.79 -0.01 -9.13
CA ASP B 65 -8.64 0.69 -9.68
C ASP B 65 -8.22 0.14 -11.04
N THR B 66 -8.44 -1.15 -11.27
CA THR B 66 -8.07 -1.80 -12.51
C THR B 66 -9.23 -1.95 -13.49
N GLY B 67 -10.34 -1.25 -13.23
CA GLY B 67 -11.45 -1.22 -14.17
C GLY B 67 -12.25 -2.49 -14.28
N GLN B 68 -12.36 -3.28 -13.21
CA GLN B 68 -13.09 -4.53 -13.28
C GLN B 68 -14.59 -4.37 -13.06
N TYR B 69 -15.06 -3.20 -12.63
CA TYR B 69 -16.49 -2.93 -12.50
C TYR B 69 -16.95 -2.23 -13.79
N GLN B 70 -17.67 -2.97 -14.64
CA GLN B 70 -18.19 -2.38 -15.87
C GLN B 70 -19.41 -1.52 -15.62
N GLU B 71 -20.22 -1.84 -14.64
CA GLU B 71 -21.42 -1.09 -14.32
C GLU B 71 -21.48 -0.84 -12.82
N PRO B 72 -22.14 0.24 -12.39
CA PRO B 72 -22.09 0.59 -10.96
C PRO B 72 -22.67 -0.47 -10.05
N TRP B 73 -23.56 -1.34 -10.55
CA TRP B 73 -24.18 -2.34 -9.69
C TRP B 73 -23.20 -3.43 -9.30
N GLN B 74 -22.22 -3.73 -10.16
CA GLN B 74 -21.22 -4.74 -9.82
C GLN B 74 -20.40 -4.30 -8.62
N TYR B 75 -20.05 -3.01 -8.56
CA TYR B 75 -19.34 -2.47 -7.41
C TYR B 75 -20.22 -2.53 -6.17
N VAL B 76 -21.48 -2.13 -6.30
CA VAL B 76 -22.37 -2.10 -5.15
C VAL B 76 -22.57 -3.51 -4.62
N ASP B 77 -22.76 -4.48 -5.52
CA ASP B 77 -22.92 -5.87 -5.10
C ASP B 77 -21.71 -6.34 -4.26
N ASP B 78 -20.49 -6.02 -4.71
CA ASP B 78 -19.31 -6.44 -3.95
C ASP B 78 -19.30 -5.83 -2.56
N VAL B 79 -19.70 -4.57 -2.43
CA VAL B 79 -19.70 -3.91 -1.12
C VAL B 79 -20.67 -4.61 -0.17
N TRP B 80 -21.90 -4.90 -0.66
CA TRP B 80 -22.88 -5.57 0.17
C TRP B 80 -22.48 -7.01 0.47
N LEU B 81 -21.82 -7.65 -0.48
CA LEU B 81 -21.26 -8.98 -0.23
C LEU B 81 -20.31 -8.94 0.96
N MET B 82 -19.47 -7.92 1.03
CA MET B 82 -18.52 -7.80 2.13
C MET B 82 -19.26 -7.68 3.46
N PHE B 83 -20.28 -6.82 3.50
CA PHE B 83 -21.03 -6.63 4.72
C PHE B 83 -21.85 -7.88 5.07
N ASN B 84 -22.53 -8.45 4.08
CA ASN B 84 -23.31 -9.66 4.31
C ASN B 84 -22.45 -10.79 4.88
N ASN B 85 -21.24 -10.99 4.34
CA ASN B 85 -20.33 -12.00 4.87
C ASN B 85 -20.10 -11.79 6.36
N ALA B 86 -19.84 -10.55 6.78
CA ALA B 86 -19.56 -10.30 8.19
C ALA B 86 -20.81 -10.46 9.05
N TRP B 87 -21.96 -9.96 8.59
CA TRP B 87 -23.21 -10.18 9.32
C TRP B 87 -23.55 -11.65 9.41
N LEU B 88 -23.19 -12.43 8.38
CA LEU B 88 -23.45 -13.85 8.38
C LEU B 88 -22.54 -14.59 9.36
N TYR B 89 -21.25 -14.27 9.35
CA TYR B 89 -20.31 -15.11 10.10
C TYR B 89 -20.20 -14.71 11.57
N ASN B 90 -20.17 -13.43 11.86
CA ASN B 90 -19.90 -12.95 13.22
C ASN B 90 -21.18 -12.91 14.05
N ARG B 91 -21.02 -13.15 15.34
CA ARG B 91 -22.14 -13.15 16.27
C ARG B 91 -22.72 -11.74 16.39
N LYS B 92 -24.04 -11.68 16.58
CA LYS B 92 -24.71 -10.39 16.63
C LYS B 92 -24.20 -9.51 17.77
N THR B 93 -23.63 -10.11 18.81
CA THR B 93 -23.15 -9.39 19.99
C THR B 93 -21.66 -9.05 19.91
N SER B 94 -21.00 -9.34 18.79
CA SER B 94 -19.56 -9.15 18.68
C SER B 94 -19.21 -7.73 18.21
N ARG B 95 -17.96 -7.34 18.44
CA ARG B 95 -17.48 -6.04 17.97
C ARG B 95 -17.43 -5.96 16.44
N VAL B 96 -16.97 -7.03 15.76
CA VAL B 96 -16.92 -6.99 14.30
C VAL B 96 -18.30 -6.75 13.72
N TYR B 97 -19.32 -7.37 14.31
CA TYR B 97 -20.70 -7.18 13.86
C TYR B 97 -21.13 -5.73 14.02
N LYS B 98 -20.82 -5.14 15.17
CA LYS B 98 -21.10 -3.73 15.39
C LYS B 98 -20.41 -2.87 14.35
N PHE B 99 -19.12 -3.16 14.08
CA PHE B 99 -18.37 -2.38 13.11
C PHE B 99 -19.00 -2.50 11.72
N CYS B 100 -19.43 -3.71 11.35
CA CYS B 100 -20.07 -3.92 10.06
C CYS B 100 -21.34 -3.10 9.94
N SER B 101 -22.14 -3.05 11.00
CA SER B 101 -23.38 -2.28 10.94
C SER B 101 -23.10 -0.79 10.79
N LYS B 102 -22.10 -0.27 11.51
CA LYS B 102 -21.74 1.14 11.40
C LYS B 102 -21.23 1.46 10.00
N LEU B 103 -20.34 0.62 9.47
CA LEU B 103 -19.79 0.87 8.14
C LEU B 103 -20.89 0.83 7.08
N ALA B 104 -21.85 -0.08 7.23
CA ALA B 104 -22.87 -0.20 6.21
C ALA B 104 -23.84 0.98 6.24
N GLU B 105 -24.04 1.57 7.40
CA GLU B 105 -24.83 2.79 7.47
C GLU B 105 -24.14 3.92 6.72
N VAL B 106 -22.84 4.07 6.92
CA VAL B 106 -22.04 5.03 6.15
C VAL B 106 -22.25 4.80 4.66
N PHE B 107 -22.08 3.55 4.22
CA PHE B 107 -22.20 3.26 2.80
C PHE B 107 -23.59 3.55 2.27
N GLU B 108 -24.63 3.33 3.09
CA GLU B 108 -25.98 3.64 2.63
C GLU B 108 -26.14 5.12 2.33
N GLN B 109 -25.54 5.97 3.17
CA GLN B 109 -25.67 7.41 2.96
C GLN B 109 -24.87 7.86 1.74
N GLU B 110 -23.63 7.39 1.60
CA GLU B 110 -22.76 7.87 0.54
C GLU B 110 -23.17 7.36 -0.83
N ILE B 111 -23.80 6.19 -0.92
CA ILE B 111 -23.96 5.56 -2.22
C ILE B 111 -25.19 6.08 -2.95
N ASP B 112 -26.22 6.52 -2.24
CA ASP B 112 -27.47 6.78 -2.94
C ASP B 112 -27.40 8.01 -3.84
N PRO B 113 -26.82 9.14 -3.39
CA PRO B 113 -26.55 10.23 -4.33
C PRO B 113 -25.85 9.75 -5.60
N VAL B 114 -24.70 9.10 -5.42
CA VAL B 114 -23.87 8.65 -6.54
C VAL B 114 -24.68 7.77 -7.50
N MET B 115 -25.52 6.89 -6.96
CA MET B 115 -26.32 6.04 -7.85
C MET B 115 -27.46 6.81 -8.50
N GLN B 116 -27.99 7.83 -7.82
CA GLN B 116 -29.00 8.68 -8.45
C GLN B 116 -28.39 9.46 -9.61
N SER B 117 -27.21 10.04 -9.39
CA SER B 117 -26.52 10.77 -10.44
C SER B 117 -26.30 9.89 -11.67
N LEU B 118 -25.71 8.72 -11.48
CA LEU B 118 -25.37 7.84 -12.59
C LEU B 118 -26.59 7.21 -13.27
N GLY B 119 -27.74 7.88 -13.20
CA GLY B 119 -28.96 7.36 -13.80
C GLY B 119 -28.84 7.06 -15.28
N PHE C 7 -14.35 -9.87 -22.92
CA PHE C 7 -13.03 -10.00 -22.32
C PHE C 7 -13.04 -9.59 -20.84
N LYS C 8 -12.22 -10.27 -20.03
CA LYS C 8 -12.07 -9.67 -18.71
C LYS C 8 -10.81 -8.80 -18.69
N PRO C 9 -10.87 -7.62 -18.07
CA PRO C 9 -9.76 -6.65 -18.23
C PRO C 9 -8.44 -7.10 -17.64
N GLU C 10 -8.42 -8.04 -16.69
CA GLU C 10 -7.15 -8.52 -16.16
C GLU C 10 -6.58 -9.65 -16.99
N GLU C 11 -7.43 -10.50 -17.59
CA GLU C 11 -6.97 -11.40 -18.63
C GLU C 11 -6.52 -10.62 -19.86
N LEU C 12 -7.18 -9.50 -20.14
CA LEU C 12 -6.75 -8.64 -21.24
C LEU C 12 -5.40 -8.00 -20.95
N ARG C 13 -5.23 -7.45 -19.74
CA ARG C 13 -3.95 -6.85 -19.37
C ARG C 13 -2.84 -7.89 -19.36
N GLN C 14 -3.14 -9.10 -18.90
CA GLN C 14 -2.12 -10.15 -18.88
C GLN C 14 -1.66 -10.51 -20.28
N ALA C 15 -2.54 -10.40 -21.28
CA ALA C 15 -2.16 -10.76 -22.63
C ALA C 15 -1.40 -9.64 -23.33
N LEU C 16 -1.77 -8.39 -23.07
CA LEU C 16 -1.25 -7.26 -23.83
C LEU C 16 0.00 -6.64 -23.20
N MET C 17 0.03 -6.50 -21.88
CA MET C 17 1.16 -5.87 -21.22
C MET C 17 2.51 -6.41 -21.65
N PRO C 18 2.70 -7.71 -21.92
CA PRO C 18 4.00 -8.15 -22.44
C PRO C 18 4.39 -7.46 -23.73
N THR C 19 3.43 -7.21 -24.62
CA THR C 19 3.77 -6.53 -25.86
C THR C 19 4.21 -5.10 -25.60
N LEU C 20 3.61 -4.45 -24.61
CA LEU C 20 4.01 -3.09 -24.27
C LEU C 20 5.41 -3.08 -23.67
N GLU C 21 5.70 -4.02 -22.78
CA GLU C 21 7.04 -4.12 -22.22
C GLU C 21 8.08 -4.32 -23.31
N ALA C 22 7.72 -5.06 -24.36
CA ALA C 22 8.66 -5.28 -25.46
C ALA C 22 9.03 -3.97 -26.15
N LEU C 23 8.10 -3.03 -26.24
CA LEU C 23 8.42 -1.71 -26.76
C LEU C 23 9.31 -0.94 -25.78
N TYR C 24 8.96 -0.93 -24.49
CA TYR C 24 9.78 -0.23 -23.50
C TYR C 24 11.22 -0.75 -23.54
N ARG C 25 11.40 -2.04 -23.83
CA ARG C 25 12.72 -2.66 -23.81
C ARG C 25 13.60 -2.19 -24.97
N GLN C 26 13.03 -1.65 -26.02
CA GLN C 26 13.83 -1.11 -27.12
C GLN C 26 14.46 0.21 -26.67
N ASP C 27 15.79 0.26 -26.68
CA ASP C 27 16.54 1.39 -26.15
C ASP C 27 17.67 1.59 -27.16
N PRO C 28 17.77 2.76 -27.81
CA PRO C 28 17.07 4.02 -27.56
C PRO C 28 15.72 4.21 -28.23
N GLU C 29 15.22 3.22 -28.97
CA GLU C 29 14.10 3.47 -29.88
C GLU C 29 12.83 3.87 -29.13
N SER C 30 12.62 3.40 -27.89
CA SER C 30 11.45 3.79 -27.12
C SER C 30 11.57 5.14 -26.41
N LEU C 31 12.79 5.70 -26.34
CA LEU C 31 12.97 6.94 -25.57
C LEU C 31 12.08 8.10 -26.03
N PRO C 32 11.83 8.31 -27.33
CA PRO C 32 10.92 9.41 -27.72
C PRO C 32 9.51 9.22 -27.24
N PHE C 33 9.14 8.02 -26.82
CA PHE C 33 7.75 7.63 -26.67
C PHE C 33 7.36 7.32 -25.23
N ARG C 34 8.31 7.36 -24.31
CA ARG C 34 8.05 6.94 -22.93
C ARG C 34 7.19 7.93 -22.15
N GLN C 35 7.13 9.19 -22.57
CA GLN C 35 6.29 10.19 -21.90
C GLN C 35 5.65 11.08 -22.94
N PRO C 36 4.52 11.75 -22.63
CA PRO C 36 3.87 12.57 -23.64
C PRO C 36 4.80 13.69 -24.05
N VAL C 37 4.80 14.00 -25.35
CA VAL C 37 5.63 15.09 -25.85
C VAL C 37 5.25 16.39 -25.15
N ASP C 38 6.24 17.08 -24.58
CA ASP C 38 6.10 18.47 -24.15
C ASP C 38 6.79 19.35 -25.18
N PRO C 39 6.07 19.95 -26.13
CA PRO C 39 6.76 20.62 -27.26
C PRO C 39 7.62 21.79 -26.82
N GLN C 40 7.23 22.49 -25.74
CA GLN C 40 8.04 23.60 -25.25
C GLN C 40 9.39 23.11 -24.74
N LEU C 41 9.37 22.13 -23.83
CA LEU C 41 10.61 21.58 -23.29
C LEU C 41 11.51 21.05 -24.40
N LEU C 42 10.93 20.36 -25.38
CA LEU C 42 11.74 19.65 -26.36
C LEU C 42 12.13 20.53 -27.54
N GLY C 43 11.69 21.78 -27.57
CA GLY C 43 12.06 22.67 -28.65
C GLY C 43 11.38 22.38 -29.97
N ILE C 44 10.19 21.78 -29.95
CA ILE C 44 9.42 21.57 -31.17
C ILE C 44 8.03 22.18 -30.99
N PRO C 45 7.91 23.50 -30.86
CA PRO C 45 6.65 24.12 -30.42
C PRO C 45 5.46 23.90 -31.35
N ASP C 46 5.67 23.60 -32.62
CA ASP C 46 4.58 23.39 -33.57
C ASP C 46 3.98 21.99 -33.52
N TYR C 47 4.37 21.18 -32.53
CA TYR C 47 3.93 19.79 -32.48
C TYR C 47 2.42 19.67 -32.49
N PHE C 48 1.74 20.43 -31.62
CA PHE C 48 0.29 20.31 -31.52
C PHE C 48 -0.44 20.95 -32.69
N ASP C 49 0.24 21.75 -33.52
CA ASP C 49 -0.39 22.17 -34.76
C ASP C 49 -0.60 21.00 -35.70
N ILE C 50 0.26 19.98 -35.60
CA ILE C 50 0.25 18.85 -36.53
C ILE C 50 -0.42 17.62 -35.91
N VAL C 51 -0.14 17.35 -34.63
CA VAL C 51 -0.60 16.15 -33.95
C VAL C 51 -1.80 16.51 -33.08
N LYS C 52 -2.99 16.07 -33.49
CA LYS C 52 -4.23 16.44 -32.81
C LYS C 52 -4.69 15.42 -31.80
N ASN C 53 -4.24 14.17 -31.90
CA ASN C 53 -4.55 13.12 -30.93
C ASN C 53 -3.24 12.46 -30.49
N PRO C 54 -2.49 13.10 -29.60
CA PRO C 54 -1.21 12.52 -29.17
C PRO C 54 -1.42 11.26 -28.33
N MET C 55 -0.41 10.41 -28.36
CA MET C 55 -0.43 9.15 -27.64
C MET C 55 1.02 8.75 -27.37
N ASP C 56 1.24 8.09 -26.24
CA ASP C 56 2.57 7.68 -25.85
C ASP C 56 2.49 6.43 -24.97
N LEU C 57 3.65 5.82 -24.74
CA LEU C 57 3.73 4.58 -23.98
C LEU C 57 3.14 4.74 -22.57
N SER C 58 3.46 5.85 -21.90
CA SER C 58 2.99 6.02 -20.52
C SER C 58 1.47 6.11 -20.46
N THR C 59 0.85 6.72 -21.47
CA THR C 59 -0.60 6.81 -21.48
C THR C 59 -1.23 5.45 -21.81
N ILE C 60 -0.60 4.69 -22.69
CA ILE C 60 -1.14 3.38 -23.02
C ILE C 60 -1.01 2.46 -21.81
N LYS C 61 0.14 2.51 -21.15
CA LYS C 61 0.34 1.72 -19.94
C LYS C 61 -0.72 2.04 -18.90
N ARG C 62 -1.03 3.33 -18.71
CA ARG C 62 -1.99 3.71 -17.67
C ARG C 62 -3.39 3.22 -18.01
N LYS C 63 -3.79 3.33 -19.29
CA LYS C 63 -5.09 2.84 -19.71
C LYS C 63 -5.20 1.33 -19.52
N LEU C 64 -4.13 0.61 -19.85
CA LEU C 64 -4.09 -0.84 -19.63
C LEU C 64 -4.21 -1.15 -18.14
N ASP C 65 -3.43 -0.46 -17.30
CA ASP C 65 -3.42 -0.74 -15.87
C ASP C 65 -4.77 -0.46 -15.23
N THR C 66 -5.43 0.62 -15.65
CA THR C 66 -6.73 0.99 -15.12
C THR C 66 -7.89 0.42 -15.94
N GLY C 67 -7.62 -0.54 -16.83
CA GLY C 67 -8.68 -1.28 -17.48
C GLY C 67 -9.52 -0.51 -18.47
N GLN C 68 -8.92 0.47 -19.17
CA GLN C 68 -9.69 1.32 -20.07
C GLN C 68 -9.86 0.72 -21.46
N TYR C 69 -9.22 -0.40 -21.78
CA TYR C 69 -9.40 -1.07 -23.06
C TYR C 69 -10.34 -2.25 -22.85
N GLN C 70 -11.50 -2.20 -23.49
CA GLN C 70 -12.46 -3.30 -23.39
C GLN C 70 -12.06 -4.48 -24.27
N GLU C 71 -11.48 -4.20 -25.44
CA GLU C 71 -11.12 -5.23 -26.40
C GLU C 71 -9.73 -4.95 -26.95
N PRO C 72 -9.00 -6.00 -27.36
CA PRO C 72 -7.59 -5.81 -27.75
C PRO C 72 -7.39 -4.86 -28.92
N TRP C 73 -8.37 -4.75 -29.82
CA TRP C 73 -8.22 -3.84 -30.95
C TRP C 73 -8.12 -2.39 -30.49
N GLN C 74 -8.74 -2.05 -29.36
CA GLN C 74 -8.65 -0.68 -28.85
C GLN C 74 -7.23 -0.37 -28.38
N TYR C 75 -6.54 -1.36 -27.81
CA TYR C 75 -5.15 -1.18 -27.44
C TYR C 75 -4.27 -1.10 -28.68
N VAL C 76 -4.50 -2.00 -29.63
CA VAL C 76 -3.77 -1.96 -30.90
C VAL C 76 -3.92 -0.59 -31.56
N ASP C 77 -5.13 -0.01 -31.52
CA ASP C 77 -5.34 1.29 -32.17
C ASP C 77 -4.50 2.37 -31.51
N ASP C 78 -4.42 2.36 -30.17
CA ASP C 78 -3.63 3.36 -29.48
C ASP C 78 -2.15 3.22 -29.81
N VAL C 79 -1.68 1.98 -29.96
CA VAL C 79 -0.28 1.79 -30.32
C VAL C 79 -0.01 2.36 -31.70
N TRP C 80 -0.91 2.10 -32.66
CA TRP C 80 -0.72 2.61 -34.02
C TRP C 80 -0.94 4.10 -34.10
N LEU C 81 -1.86 4.64 -33.30
CA LEU C 81 -1.97 6.09 -33.21
C LEU C 81 -0.64 6.73 -32.82
N MET C 82 0.01 6.19 -31.78
CA MET C 82 1.35 6.66 -31.42
C MET C 82 2.32 6.59 -32.59
N PHE C 83 2.36 5.44 -33.29
CA PHE C 83 3.25 5.30 -34.45
C PHE C 83 2.89 6.29 -35.55
N ASN C 84 1.60 6.35 -35.92
CA ASN C 84 1.17 7.25 -36.98
C ASN C 84 1.50 8.71 -36.67
N ASN C 85 1.25 9.14 -35.44
CA ASN C 85 1.66 10.49 -35.04
C ASN C 85 3.13 10.74 -35.35
N ALA C 86 3.99 9.79 -34.98
CA ALA C 86 5.42 10.04 -35.11
C ALA C 86 5.85 10.04 -36.56
N TRP C 87 5.27 9.13 -37.36
CA TRP C 87 5.54 9.13 -38.80
C TRP C 87 5.04 10.40 -39.46
N LEU C 88 3.96 10.99 -38.93
CA LEU C 88 3.43 12.22 -39.52
C LEU C 88 4.30 13.42 -39.19
N TYR C 89 4.77 13.52 -37.93
CA TYR C 89 5.43 14.75 -37.53
C TYR C 89 6.91 14.78 -37.93
N ASN C 90 7.59 13.64 -37.93
CA ASN C 90 9.03 13.65 -38.09
C ASN C 90 9.39 13.35 -39.54
N ARG C 91 10.44 14.03 -40.06
CA ARG C 91 10.90 13.73 -41.42
C ARG C 91 11.45 12.31 -41.48
N LYS C 92 11.37 11.69 -42.67
CA LYS C 92 11.72 10.29 -42.85
C LYS C 92 13.20 10.02 -42.60
N THR C 93 14.05 11.05 -42.63
CA THR C 93 15.47 10.84 -42.36
C THR C 93 15.80 10.94 -40.87
N SER C 94 14.86 11.33 -40.03
CA SER C 94 15.15 11.65 -38.65
C SER C 94 15.23 10.38 -37.79
N ARG C 95 15.87 10.52 -36.62
CA ARG C 95 16.00 9.38 -35.72
C ARG C 95 14.65 8.90 -35.22
N VAL C 96 13.73 9.83 -34.90
CA VAL C 96 12.46 9.41 -34.28
C VAL C 96 11.63 8.62 -35.28
N TYR C 97 11.55 9.09 -36.53
CA TYR C 97 10.90 8.31 -37.58
C TYR C 97 11.46 6.89 -37.64
N LYS C 98 12.79 6.78 -37.70
CA LYS C 98 13.42 5.46 -37.75
C LYS C 98 13.18 4.68 -36.47
N PHE C 99 13.29 5.34 -35.30
CA PHE C 99 12.97 4.63 -34.07
C PHE C 99 11.54 4.09 -34.11
N CYS C 100 10.62 4.91 -34.62
CA CYS C 100 9.21 4.52 -34.70
C CYS C 100 9.02 3.29 -35.59
N SER C 101 9.64 3.31 -36.78
CA SER C 101 9.58 2.14 -37.65
C SER C 101 10.16 0.90 -36.96
N LYS C 102 11.24 1.07 -36.20
CA LYS C 102 11.79 -0.08 -35.48
C LYS C 102 10.78 -0.59 -34.45
N LEU C 103 10.17 0.32 -33.69
CA LEU C 103 9.18 -0.09 -32.70
C LEU C 103 7.99 -0.78 -33.36
N ALA C 104 7.53 -0.24 -34.49
CA ALA C 104 6.42 -0.88 -35.19
C ALA C 104 6.80 -2.30 -35.62
N GLU C 105 8.00 -2.47 -36.19
CA GLU C 105 8.50 -3.80 -36.51
C GLU C 105 8.44 -4.71 -35.29
N VAL C 106 8.96 -4.22 -34.15
CA VAL C 106 8.92 -5.01 -32.93
C VAL C 106 7.48 -5.29 -32.50
N PHE C 107 6.62 -4.27 -32.53
CA PHE C 107 5.25 -4.46 -32.10
C PHE C 107 4.54 -5.50 -32.95
N GLU C 108 4.73 -5.43 -34.28
CA GLU C 108 4.06 -6.39 -35.15
C GLU C 108 4.44 -7.82 -34.79
N GLN C 109 5.75 -8.06 -34.58
CA GLN C 109 6.17 -9.42 -34.21
C GLN C 109 5.53 -9.85 -32.91
N GLU C 110 5.48 -8.96 -31.93
CA GLU C 110 4.98 -9.31 -30.60
C GLU C 110 3.46 -9.41 -30.55
N ILE C 111 2.74 -8.55 -31.27
CA ILE C 111 1.28 -8.59 -31.20
C ILE C 111 0.67 -9.75 -31.99
N ASP C 112 1.41 -10.31 -32.96
CA ASP C 112 0.96 -11.42 -33.82
C ASP C 112 0.33 -12.55 -33.02
N PRO C 113 1.05 -13.24 -32.12
CA PRO C 113 0.46 -14.40 -31.45
C PRO C 113 -0.73 -14.05 -30.58
N VAL C 114 -0.73 -12.85 -30.00
CA VAL C 114 -1.89 -12.39 -29.23
C VAL C 114 -3.11 -12.30 -30.14
N MET C 115 -2.95 -11.65 -31.29
CA MET C 115 -4.10 -11.42 -32.15
C MET C 115 -4.62 -12.73 -32.72
N GLN C 116 -3.73 -13.66 -33.03
CA GLN C 116 -4.17 -14.95 -33.57
C GLN C 116 -4.61 -15.92 -32.50
N SER C 117 -4.44 -15.58 -31.23
CA SER C 117 -5.02 -16.39 -30.15
C SER C 117 -6.44 -15.93 -29.84
N LEU C 118 -6.58 -14.71 -29.33
CA LEU C 118 -7.89 -14.17 -28.98
C LEU C 118 -8.74 -13.98 -30.23
N GLY C 119 -9.03 -15.08 -30.93
CA GLY C 119 -9.94 -15.03 -32.06
C GLY C 119 -11.38 -15.08 -31.57
N PHE D 7 14.34 -6.99 5.73
CA PHE D 7 13.25 -6.36 4.98
C PHE D 7 13.06 -7.03 3.62
N LYS D 8 11.92 -7.70 3.44
CA LYS D 8 11.66 -8.44 2.22
C LYS D 8 11.23 -7.49 1.10
N PRO D 9 11.52 -7.84 -0.17
CA PRO D 9 11.24 -6.92 -1.28
C PRO D 9 9.84 -6.36 -1.29
N GLU D 10 8.83 -7.22 -1.36
CA GLU D 10 7.45 -6.74 -1.39
C GLU D 10 7.03 -6.06 -0.09
N GLU D 11 7.72 -6.34 1.01
CA GLU D 11 7.43 -5.60 2.24
C GLU D 11 7.85 -4.14 2.09
N LEU D 12 8.94 -3.89 1.37
CA LEU D 12 9.39 -2.53 1.14
C LEU D 12 8.53 -1.83 0.09
N ARG D 13 8.27 -2.53 -1.02
CA ARG D 13 7.39 -2.00 -2.05
C ARG D 13 6.06 -1.54 -1.44
N GLN D 14 5.43 -2.41 -0.65
CA GLN D 14 4.12 -2.08 -0.09
C GLN D 14 4.17 -0.87 0.84
N ALA D 15 5.28 -0.67 1.54
CA ALA D 15 5.38 0.46 2.46
C ALA D 15 5.86 1.73 1.78
N LEU D 16 6.81 1.62 0.86
CA LEU D 16 7.48 2.80 0.31
C LEU D 16 6.82 3.34 -0.96
N MET D 17 6.25 2.48 -1.79
CA MET D 17 5.69 2.93 -3.06
C MET D 17 4.56 3.95 -2.91
N PRO D 18 3.68 3.87 -1.91
CA PRO D 18 2.76 5.00 -1.69
C PRO D 18 3.45 6.34 -1.56
N THR D 19 4.68 6.35 -1.03
CA THR D 19 5.38 7.62 -0.88
C THR D 19 5.93 8.10 -2.21
N LEU D 20 6.36 7.17 -3.06
CA LEU D 20 6.79 7.56 -4.40
C LEU D 20 5.61 8.07 -5.23
N GLU D 21 4.46 7.37 -5.15
CA GLU D 21 3.29 7.79 -5.92
C GLU D 21 2.84 9.18 -5.53
N ALA D 22 3.03 9.56 -4.26
CA ALA D 22 2.64 10.90 -3.81
C ALA D 22 3.44 11.97 -4.52
N LEU D 23 4.70 11.67 -4.87
CA LEU D 23 5.50 12.59 -5.68
C LEU D 23 5.02 12.61 -7.13
N TYR D 24 4.72 11.44 -7.68
CA TYR D 24 4.19 11.37 -9.04
C TYR D 24 2.92 12.21 -9.18
N ARG D 25 2.06 12.21 -8.16
CA ARG D 25 0.79 12.92 -8.26
C ARG D 25 0.96 14.44 -8.25
N GLN D 26 2.13 14.96 -7.88
CA GLN D 26 2.35 16.39 -7.95
C GLN D 26 2.62 16.79 -9.40
N ASP D 27 1.73 17.61 -9.95
CA ASP D 27 1.69 18.01 -11.35
C ASP D 27 1.46 19.52 -11.38
N PRO D 28 2.39 20.31 -11.92
CA PRO D 28 3.53 19.92 -12.74
C PRO D 28 4.83 19.60 -11.98
N GLU D 29 4.81 19.63 -10.64
CA GLU D 29 6.07 19.63 -9.91
C GLU D 29 6.91 18.36 -10.14
N SER D 30 6.30 17.22 -10.43
CA SER D 30 7.08 16.01 -10.67
C SER D 30 7.52 15.84 -12.11
N LEU D 31 6.98 16.62 -13.05
CA LEU D 31 7.32 16.43 -14.46
C LEU D 31 8.83 16.46 -14.75
N PRO D 32 9.65 17.34 -14.13
CA PRO D 32 11.10 17.29 -14.41
C PRO D 32 11.75 15.99 -13.96
N PHE D 33 11.11 15.21 -13.10
CA PHE D 33 11.78 14.11 -12.42
C PHE D 33 11.27 12.73 -12.83
N ARG D 34 10.34 12.63 -13.79
CA ARG D 34 9.74 11.35 -14.10
C ARG D 34 10.63 10.47 -14.98
N GLN D 35 11.63 11.03 -15.65
CA GLN D 35 12.58 10.24 -16.43
C GLN D 35 13.95 10.81 -16.22
N PRO D 36 15.03 10.04 -16.44
CA PRO D 36 16.37 10.59 -16.31
C PRO D 36 16.57 11.75 -17.27
N VAL D 37 17.31 12.75 -16.82
CA VAL D 37 17.62 13.85 -17.68
C VAL D 37 18.44 13.34 -18.86
N ASP D 38 18.01 13.66 -20.09
CA ASP D 38 18.82 13.51 -21.29
C ASP D 38 19.33 14.89 -21.62
N PRO D 39 20.56 15.24 -21.27
CA PRO D 39 20.99 16.65 -21.37
C PRO D 39 20.90 17.20 -22.79
N GLN D 40 21.21 16.37 -23.78
CA GLN D 40 21.21 16.85 -25.17
C GLN D 40 19.80 17.20 -25.63
N LEU D 41 18.85 16.27 -25.44
CA LEU D 41 17.46 16.49 -25.88
C LEU D 41 16.82 17.68 -25.18
N LEU D 42 17.16 17.90 -23.90
CA LEU D 42 16.58 19.00 -23.14
C LEU D 42 17.37 20.30 -23.28
N GLY D 43 18.44 20.31 -24.07
CA GLY D 43 19.21 21.53 -24.27
C GLY D 43 19.97 22.01 -23.04
N ILE D 44 20.39 21.10 -22.17
CA ILE D 44 21.23 21.48 -21.03
C ILE D 44 22.45 20.57 -21.03
N PRO D 45 23.35 20.69 -22.01
CA PRO D 45 24.40 19.68 -22.18
C PRO D 45 25.46 19.68 -21.09
N ASP D 46 25.56 20.71 -20.24
CA ASP D 46 26.53 20.71 -19.14
C ASP D 46 26.03 19.94 -17.90
N TYR D 47 24.91 19.23 -18.01
CA TYR D 47 24.26 18.66 -16.83
C TYR D 47 25.17 17.69 -16.08
N PHE D 48 25.79 16.73 -16.79
CA PHE D 48 26.63 15.75 -16.11
C PHE D 48 27.99 16.31 -15.71
N ASP D 49 28.38 17.48 -16.21
CA ASP D 49 29.52 18.17 -15.62
C ASP D 49 29.25 18.47 -14.15
N ILE D 50 27.98 18.65 -13.79
CA ILE D 50 27.60 19.11 -12.47
C ILE D 50 27.01 17.98 -11.62
N VAL D 51 26.16 17.14 -12.21
CA VAL D 51 25.49 16.07 -11.48
C VAL D 51 26.24 14.76 -11.78
N LYS D 52 27.02 14.30 -10.79
CA LYS D 52 27.84 13.11 -10.94
C LYS D 52 27.11 11.81 -10.59
N ASN D 53 25.99 11.87 -9.87
CA ASN D 53 25.20 10.68 -9.53
C ASN D 53 23.73 10.99 -9.79
N PRO D 54 23.31 10.94 -11.06
CA PRO D 54 21.92 11.26 -11.38
C PRO D 54 20.95 10.27 -10.76
N MET D 55 19.72 10.73 -10.57
CA MET D 55 18.66 9.92 -9.98
C MET D 55 17.34 10.56 -10.34
N ASP D 56 16.30 9.75 -10.51
CA ASP D 56 15.00 10.26 -10.92
C ASP D 56 13.93 9.29 -10.47
N LEU D 57 12.67 9.72 -10.60
CA LEU D 57 11.56 8.93 -10.09
C LEU D 57 11.48 7.57 -10.76
N SER D 58 11.78 7.50 -12.07
CA SER D 58 11.61 6.23 -12.76
C SER D 58 12.66 5.22 -12.30
N THR D 59 13.89 5.68 -12.05
CA THR D 59 14.92 4.78 -11.56
C THR D 59 14.60 4.28 -10.16
N ILE D 60 14.17 5.18 -9.27
CA ILE D 60 13.78 4.76 -7.92
C ILE D 60 12.65 3.74 -8.00
N LYS D 61 11.63 4.03 -8.82
CA LYS D 61 10.53 3.09 -8.99
C LYS D 61 11.05 1.75 -9.51
N ARG D 62 11.90 1.76 -10.53
CA ARG D 62 12.44 0.51 -11.06
C ARG D 62 13.14 -0.28 -9.97
N LYS D 63 13.92 0.38 -9.13
CA LYS D 63 14.65 -0.32 -8.06
C LYS D 63 13.68 -0.96 -7.07
N LEU D 64 12.62 -0.24 -6.71
CA LEU D 64 11.62 -0.80 -5.80
C LEU D 64 10.99 -2.06 -6.38
N ASP D 65 10.59 -2.01 -7.66
CA ASP D 65 9.97 -3.17 -8.30
C ASP D 65 10.94 -4.33 -8.43
N THR D 66 12.20 -4.05 -8.73
CA THR D 66 13.21 -5.09 -8.84
C THR D 66 13.56 -5.70 -7.49
N GLY D 67 13.36 -4.95 -6.41
CA GLY D 67 13.81 -5.39 -5.10
C GLY D 67 15.22 -4.99 -4.77
N GLN D 68 15.79 -4.01 -5.48
CA GLN D 68 17.19 -3.63 -5.30
C GLN D 68 17.45 -2.88 -3.99
N TYR D 69 16.44 -2.57 -3.20
CA TYR D 69 16.64 -1.94 -1.90
C TYR D 69 16.62 -3.01 -0.81
N GLN D 70 17.72 -3.10 -0.06
CA GLN D 70 17.79 -4.03 1.06
C GLN D 70 17.29 -3.41 2.36
N GLU D 71 17.39 -2.09 2.49
CA GLU D 71 17.03 -1.36 3.69
C GLU D 71 16.24 -0.12 3.31
N PRO D 72 15.26 0.28 4.13
CA PRO D 72 14.42 1.43 3.77
C PRO D 72 15.19 2.72 3.54
N TRP D 73 16.22 2.99 4.35
CA TRP D 73 16.96 4.23 4.20
C TRP D 73 17.68 4.32 2.86
N GLN D 74 17.85 3.21 2.16
CA GLN D 74 18.45 3.27 0.83
C GLN D 74 17.51 3.95 -0.17
N TYR D 75 16.20 3.64 -0.07
CA TYR D 75 15.21 4.36 -0.88
C TYR D 75 15.20 5.84 -0.53
N VAL D 76 15.25 6.16 0.76
CA VAL D 76 15.19 7.55 1.21
C VAL D 76 16.39 8.34 0.71
N ASP D 77 17.57 7.70 0.67
CA ASP D 77 18.76 8.38 0.16
C ASP D 77 18.64 8.67 -1.33
N ASP D 78 18.13 7.72 -2.10
CA ASP D 78 17.90 7.98 -3.53
C ASP D 78 16.97 9.17 -3.73
N VAL D 79 15.89 9.25 -2.96
CA VAL D 79 14.94 10.36 -3.13
C VAL D 79 15.63 11.69 -2.85
N TRP D 80 16.39 11.77 -1.75
CA TRP D 80 17.10 13.02 -1.46
C TRP D 80 18.25 13.26 -2.42
N LEU D 81 18.88 12.20 -2.93
CA LEU D 81 19.85 12.40 -4.02
C LEU D 81 19.21 13.13 -5.19
N MET D 82 18.04 12.64 -5.62
CA MET D 82 17.28 13.31 -6.68
C MET D 82 17.05 14.79 -6.38
N PHE D 83 16.53 15.08 -5.18
CA PHE D 83 16.26 16.47 -4.81
C PHE D 83 17.53 17.30 -4.84
N ASN D 84 18.58 16.82 -4.16
CA ASN D 84 19.79 17.60 -4.06
C ASN D 84 20.46 17.81 -5.42
N ASN D 85 20.34 16.85 -6.34
CA ASN D 85 20.84 17.10 -7.69
C ASN D 85 20.18 18.32 -8.30
N ALA D 86 18.85 18.40 -8.21
CA ALA D 86 18.14 19.51 -8.82
C ALA D 86 18.44 20.82 -8.09
N TRP D 87 18.54 20.78 -6.76
CA TRP D 87 18.92 21.99 -6.03
C TRP D 87 20.34 22.45 -6.37
N LEU D 88 21.22 21.52 -6.74
CA LEU D 88 22.57 21.91 -7.15
C LEU D 88 22.58 22.46 -8.57
N TYR D 89 21.92 21.77 -9.49
CA TYR D 89 22.05 22.14 -10.89
C TYR D 89 21.23 23.37 -11.24
N ASN D 90 20.04 23.52 -10.68
CA ASN D 90 19.14 24.58 -11.13
C ASN D 90 19.27 25.82 -10.25
N ARG D 91 19.07 26.98 -10.87
CA ARG D 91 19.16 28.23 -10.14
C ARG D 91 17.99 28.38 -9.17
N LYS D 92 18.24 29.07 -8.05
CA LYS D 92 17.19 29.26 -7.04
C LYS D 92 15.96 29.93 -7.60
N THR D 93 16.12 30.77 -8.63
CA THR D 93 14.99 31.44 -9.26
C THR D 93 14.27 30.57 -10.29
N SER D 94 14.79 29.38 -10.58
CA SER D 94 14.25 28.58 -11.66
C SER D 94 13.00 27.81 -11.23
N ARG D 95 12.16 27.52 -12.22
CA ARG D 95 10.96 26.71 -12.00
C ARG D 95 11.30 25.33 -11.44
N VAL D 96 12.35 24.68 -11.96
CA VAL D 96 12.62 23.31 -11.52
C VAL D 96 13.10 23.30 -10.06
N TYR D 97 13.91 24.28 -9.67
CA TYR D 97 14.30 24.40 -8.26
C TYR D 97 13.07 24.52 -7.36
N LYS D 98 12.12 25.38 -7.76
CA LYS D 98 10.93 25.57 -6.94
C LYS D 98 10.07 24.32 -6.95
N PHE D 99 9.92 23.68 -8.11
CA PHE D 99 9.26 22.38 -8.20
C PHE D 99 9.88 21.37 -7.24
N CYS D 100 11.21 21.29 -7.23
CA CYS D 100 11.91 20.38 -6.32
C CYS D 100 11.58 20.68 -4.85
N SER D 101 11.61 21.95 -4.47
CA SER D 101 11.26 22.31 -3.08
C SER D 101 9.88 21.80 -2.71
N LYS D 102 8.89 21.96 -3.61
CA LYS D 102 7.53 21.48 -3.32
C LYS D 102 7.52 19.96 -3.11
N LEU D 103 8.21 19.22 -3.99
CA LEU D 103 8.24 17.76 -3.89
C LEU D 103 8.93 17.29 -2.62
N ALA D 104 9.94 18.02 -2.16
CA ALA D 104 10.60 17.68 -0.91
C ALA D 104 9.66 17.88 0.27
N GLU D 105 8.93 19.00 0.27
CA GLU D 105 7.90 19.22 1.29
C GLU D 105 6.92 18.07 1.34
N VAL D 106 6.40 17.67 0.18
CA VAL D 106 5.47 16.55 0.13
C VAL D 106 6.13 15.29 0.67
N PHE D 107 7.38 15.04 0.25
CA PHE D 107 8.07 13.82 0.66
C PHE D 107 8.31 13.79 2.16
N GLU D 108 8.80 14.90 2.72
CA GLU D 108 8.98 14.98 4.17
C GLU D 108 7.69 14.63 4.88
N GLN D 109 6.60 15.31 4.52
CA GLN D 109 5.27 15.06 5.07
C GLN D 109 4.90 13.59 4.98
N GLU D 110 5.22 12.93 3.87
CA GLU D 110 4.76 11.56 3.68
C GLU D 110 5.67 10.55 4.35
N ILE D 111 6.99 10.79 4.35
CA ILE D 111 7.92 9.73 4.73
C ILE D 111 8.06 9.61 6.24
N ASP D 112 7.83 10.70 6.99
CA ASP D 112 7.94 10.63 8.45
C ASP D 112 6.97 9.61 9.05
N PRO D 113 5.66 9.66 8.78
CA PRO D 113 4.77 8.62 9.32
C PRO D 113 5.16 7.22 8.86
N VAL D 114 5.78 7.09 7.69
CA VAL D 114 6.05 5.76 7.15
C VAL D 114 7.30 5.15 7.77
N MET D 115 8.36 5.95 7.95
CA MET D 115 9.60 5.41 8.49
C MET D 115 9.45 5.05 9.97
N GLN D 116 8.73 5.88 10.73
CA GLN D 116 8.45 5.53 12.12
C GLN D 116 7.70 4.20 12.21
N SER D 117 6.75 3.97 11.29
CA SER D 117 5.88 2.82 11.38
C SER D 117 6.47 1.56 10.78
N LEU D 118 7.80 1.44 10.78
CA LEU D 118 8.44 0.20 10.35
C LEU D 118 9.83 0.04 10.94
N GLY D 119 10.23 0.97 11.81
CA GLY D 119 11.55 0.93 12.41
C GLY D 119 11.61 1.58 13.78
C2 JGK E . -7.62 -11.45 21.55
C3 JGK E . -6.99 -11.91 22.71
C4 JGK E . -6.94 -13.26 23.06
C5 JGK E . -7.52 -14.20 22.22
C6 JGK E . -8.15 -13.78 21.05
C7 JGK E . -6.28 -13.72 24.23
C10 JGK E . -10.22 -13.55 18.49
C11 JGK E . -7.59 -10.07 21.30
C12 JGK E . -8.27 -9.17 22.14
C14 JGK E . -7.43 -7.30 20.86
C16 JGK E . -6.81 -9.55 20.26
C18 JGK E . -8.66 -6.73 24.04
C19 JGK E . -9.76 -6.00 22.32
C20 JGK E . -10.32 -5.78 20.91
C21 JGK E . -5.55 -7.92 17.84
C1 JGK E . -8.18 -12.42 20.71
C13 JGK E . -8.21 -7.78 21.93
C15 JGK E . -6.76 -8.17 20.00
C17 JGK E . -8.86 -6.90 22.71
C22 JGK E . -6.22 -8.75 17.04
C23 JGK E . -6.76 -9.76 15.19
C24 JGK E . -7.60 -10.15 16.15
C25 JGK E . -7.28 -9.52 17.28
C8 JGK E . -5.48 -12.65 25.05
C9 JGK E . -8.81 -12.99 18.57
N1 JGK E . -9.46 -5.74 24.48
N2 JGK E . -7.85 -7.36 24.92
N3 JGK E . -5.97 -7.59 19.09
O1 JGK E . -6.23 -14.92 24.52
O2 JGK E . -8.78 -11.97 19.58
O3 JGK E . -10.17 -5.26 23.38
O4 JGK E . -5.89 -8.89 15.71
O5 JGK E . -4.63 -7.27 17.35
C2 JGK F . -12.03 -9.92 12.24
C3 JGK F . -12.78 -9.73 11.06
C4 JGK F . -13.78 -10.65 10.73
C5 JGK F . -14.06 -11.73 11.55
C6 JGK F . -13.35 -11.91 12.71
C7 JGK F . -14.58 -10.51 9.61
C10 JGK F . -12.12 -13.03 15.60
C11 JGK F . -11.05 -9.00 12.61
C12 JGK F . -11.21 -8.26 13.79
C14 JGK F . -9.15 -7.13 13.38
C16 JGK F . -9.94 -8.78 11.80
C18 JGK F . -10.36 -5.26 15.44
C19 JGK F . -10.43 -7.11 16.60
C20 JGK F . -10.47 -8.57 17.01
C21 JGK F . -7.29 -8.44 10.63
C1 JGK F . -12.33 -11.02 13.04
C13 JGK F . -10.26 -7.32 14.21
C15 JGK F . -8.98 -7.84 12.19
C17 JGK F . -10.36 -6.61 15.35
C22 JGK F . -6.11 -8.07 10.13
C23 JGK F . -4.27 -6.98 9.68
C24 JGK F . -4.27 -8.14 9.01
C25 JGK F . -5.39 -8.79 9.28
C8 JGK F . -14.39 -9.28 8.73
C9 JGK F . -12.41 -11.58 15.26
N1 JGK F . -10.44 -4.88 16.72
N2 JGK F . -10.29 -4.34 14.48
N3 JGK F . -7.85 -7.57 11.51
O1 JGK F . -15.48 -11.34 9.40
O2 JGK F . -11.59 -11.16 14.18
O3 JGK F . -10.49 -6.07 17.52
O4 JGK F . -5.46 -6.93 10.43
O5 JGK F . -7.76 -9.53 10.29
C2 JGK G . 11.02 13.23 -29.55
C3 JGK G . 9.75 12.72 -29.80
C4 JGK G . 9.02 13.08 -30.96
C5 JGK G . 9.57 13.97 -31.88
C6 JGK G . 10.83 14.51 -31.63
C7 JGK G . 7.77 12.53 -31.23
C10 JGK G . 12.99 16.98 -29.92
C11 JGK G . 11.73 12.82 -28.40
C12 JGK G . 11.18 13.00 -27.13
C14 JGK G . 13.06 11.95 -26.10
C16 JGK G . 12.97 12.16 -28.50
C18 JGK G . 9.91 12.77 -24.50
C19 JGK G . 11.82 13.26 -23.61
C20 JGK G . 13.31 13.53 -23.32
C21 JGK G . 15.62 10.75 -28.41
C1 JGK G . 11.54 14.13 -30.49
C13 JGK G . 11.82 12.59 -25.95
C15 JGK G . 13.67 11.73 -27.34
C17 JGK G . 11.23 12.84 -24.74
C22 JGK G . 16.78 10.09 -28.19
C23 JGK G . 18.66 9.01 -28.62
C24 JGK G . 18.46 9.07 -27.30
C25 JGK G . 17.32 9.73 -27.04
C8 JGK G . 7.28 11.50 -30.22
C9 JGK G . 13.12 15.80 -30.90
N1 JGK G . 9.69 13.11 -23.22
N2 JGK G . 8.87 12.42 -25.29
N3 JGK G . 14.88 11.08 -27.30
O1 JGK G . 7.18 12.76 -32.30
O2 JGK G . 12.79 14.61 -30.21
O3 JGK G . 10.90 13.42 -22.64
O4 JGK G . 17.58 9.66 -29.19
O5 JGK G . 15.31 10.97 -29.57
C2 JGK H . 14.23 19.49 -16.22
C3 JGK H . 14.84 18.77 -15.18
C4 JGK H . 16.01 19.23 -14.55
C5 JGK H . 16.57 20.42 -14.98
C6 JGK H . 15.99 21.16 -16.03
C7 JGK H . 16.64 18.54 -13.49
C10 JGK H . 15.33 22.37 -19.42
C11 JGK H . 13.03 19.03 -16.83
C12 JGK H . 13.04 17.79 -17.45
C14 JGK H . 10.74 18.02 -17.98
C16 JGK H . 11.83 19.77 -16.78
C18 JGK H . 12.80 15.00 -18.24
C19 JGK H . 11.44 15.64 -19.82
C20 JGK H . 10.46 16.42 -20.74
C21 JGK H . 9.10 21.05 -16.72
C1 JGK H . 14.83 20.68 -16.62
C13 JGK H . 11.91 17.25 -18.05
C15 JGK H . 10.66 19.27 -17.37
C17 JGK H . 12.02 16.03 -18.67
C22 JGK H . 7.82 21.46 -16.78
C23 JGK H . 6.08 22.77 -16.53
C24 JGK H . 5.69 21.60 -17.04
C25 JGK H . 6.75 20.79 -17.19
C8 JGK H . 16.15 17.16 -13.09
C9 JGK H . 14.72 22.57 -18.04
N1 JGK H . 12.70 13.98 -19.09
N2 JGK H . 13.61 14.82 -17.18
N3 JGK H . 9.42 19.87 -17.37
O1 JGK H . 17.54 19.07 -12.83
O2 JGK H . 14.17 21.32 -17.63
O3 JGK H . 11.83 14.37 -20.12
O4 JGK H . 7.41 22.69 -16.36
O5 JGK H . 9.90 21.74 -16.08
#